data_9PHD
#
_entry.id   9PHD
#
_cell.length_a   102.092
_cell.length_b   102.092
_cell.length_c   335.149
_cell.angle_alpha   90.000
_cell.angle_beta   90.000
_cell.angle_gamma   120.000
#
_symmetry.space_group_name_H-M   'H 3 2'
#
loop_
_entity.id
_entity.type
_entity.pdbx_description
1 polymer Hemagglutinin
2 polymer 'Hemagglutinin HA2 chain'
3 polymer 'cyclic peptide CP141076'
4 branched alpha-D-mannopyranose-(1-3)-beta-D-mannopyranose-(1-4)-2-acetamido-2-deoxy-beta-D-glucopyranose-(1-4)-[alpha-L-fucopyranose-(1-3)][alpha-L-fucopyranose-(1-6)]2-acetamido-2-deoxy-beta-D-glucopyranose
5 non-polymer 2-acetamido-2-deoxy-beta-D-glucopyranose
6 non-polymer 'SULFATE ION'
7 non-polymer DI(HYDROXYETHYL)ETHER
8 non-polymer GLYCEROL
9 water water
#
loop_
_entity_poly.entity_id
_entity_poly.type
_entity_poly.pdbx_seq_one_letter_code
_entity_poly.pdbx_strand_id
1 'polypeptide(L)'
;DTICIGYHANNSTDTVDTVLEKNVTVTHSVNLLEDSHNGKLCRLKGIAPLQLGKCNIAGWLLGNPECDPLLPVRSWSYIV
ETPNSENGICYPGDFIDYEELREQLSSVSSFERFEIFPKESSWPNHNTNGVTAACSHEGKSSFYRNLLWLTEKEGSYPKL
KNSYVNKKGKEVLVLWGIHHPPNSKEQQNLYQNENAYVSVVTSNYNRRFTPEIAERPKVRDQAGRMNYYWTLLKPGDTII
FEANGNLIAPMYAFALSRGFGSGIITSNASMHECNTKCQTPLGAINSSLPYQNIHPVTIGECPKYVRSAKLRMVTGLRNI
PSIQSR
;
C
2 'polypeptide(L)'
;GLFGAIAGFIEGGWTGMIDGWYGYHHQNEQGSGYAADQKSTQNAINGITNKVNTVIEKMNIQFTAVGKEFNKLEKRMENL
NKKVDDGFLDIWTYNAELLVLLENERTLDFHDSNVKNLYEKVKSQLKNNAKEIGNGCFEFYHKCDNECMESVRNGTYDYP
KYSEESKLNREKVDGV
;
D
3 'polypeptide(L)' (A1CRT)LYRDPLGVAGGMGC G
#
# COMPACT_ATOMS: atom_id res chain seq x y z
N ASP A 1 -18.45 51.95 -25.95
CA ASP A 1 -18.84 50.58 -25.58
C ASP A 1 -17.64 49.67 -25.80
N THR A 2 -17.44 48.72 -24.90
CA THR A 2 -16.26 47.87 -24.95
C THR A 2 -16.62 46.44 -24.60
N ILE A 3 -15.88 45.50 -25.18
CA ILE A 3 -15.90 44.13 -24.69
C ILE A 3 -14.47 43.65 -24.56
N CYS A 4 -14.18 42.94 -23.47
CA CYS A 4 -12.85 42.43 -23.16
C CYS A 4 -12.92 40.93 -22.94
N ILE A 5 -11.84 40.25 -23.30
CA ILE A 5 -11.66 38.81 -23.05
C ILE A 5 -10.71 38.66 -21.87
N GLY A 6 -11.01 37.71 -20.99
CA GLY A 6 -10.16 37.51 -19.83
C GLY A 6 -10.39 36.15 -19.21
N TYR A 7 -9.80 35.99 -18.03
CA TYR A 7 -9.75 34.68 -17.41
C TYR A 7 -9.90 34.82 -15.88
N HIS A 8 -10.27 33.71 -15.28
CA HIS A 8 -10.60 33.63 -13.86
C HIS A 8 -9.37 33.79 -12.97
N ALA A 9 -9.54 34.54 -11.87
CA ALA A 9 -8.60 34.54 -10.75
C ALA A 9 -9.40 34.38 -9.46
N ASN A 10 -8.71 33.99 -8.39
CA ASN A 10 -9.39 33.83 -7.09
C ASN A 10 -8.36 34.02 -5.98
N ASN A 11 -8.70 33.59 -4.75
CA ASN A 11 -7.80 33.77 -3.61
C ASN A 11 -7.01 32.50 -3.28
N SER A 12 -6.97 31.54 -4.20
CA SER A 12 -6.17 30.34 -3.99
C SER A 12 -4.71 30.70 -3.76
N THR A 13 -4.08 29.99 -2.82
CA THR A 13 -2.65 30.05 -2.63
C THR A 13 -1.97 28.75 -3.02
N ASP A 14 -2.69 27.81 -3.63
CA ASP A 14 -2.07 26.56 -4.08
C ASP A 14 -0.89 26.87 -5.00
N THR A 15 0.18 26.11 -4.87
CA THR A 15 1.31 26.21 -5.78
C THR A 15 1.62 24.85 -6.41
N VAL A 16 2.08 24.90 -7.66
CA VAL A 16 2.55 23.72 -8.37
C VAL A 16 3.88 24.05 -9.05
N ASP A 17 4.61 23.00 -9.40
CA ASP A 17 5.84 23.14 -10.18
C ASP A 17 5.61 22.68 -11.61
N THR A 18 6.31 23.34 -12.54
CA THR A 18 6.40 22.94 -13.93
C THR A 18 7.87 22.70 -14.26
N VAL A 19 8.15 22.47 -15.55
CA VAL A 19 9.53 22.26 -15.97
C VAL A 19 10.26 23.60 -16.06
N LEU A 20 9.57 24.65 -16.55
CA LEU A 20 10.18 25.96 -16.70
C LEU A 20 10.14 26.81 -15.43
N GLU A 21 9.26 26.50 -14.47
CA GLU A 21 9.05 27.42 -13.36
C GLU A 21 8.63 26.66 -12.11
N LYS A 22 9.15 27.06 -10.96
CA LYS A 22 8.71 26.46 -9.72
C LYS A 22 7.77 27.38 -8.96
N ASN A 23 6.93 26.79 -8.12
CA ASN A 23 6.08 27.53 -7.18
C ASN A 23 5.13 28.49 -7.90
N VAL A 24 4.42 28.00 -8.91
CA VAL A 24 3.42 28.82 -9.61
C VAL A 24 2.11 28.76 -8.84
N THR A 25 1.55 29.92 -8.50
CA THR A 25 0.26 29.95 -7.80
C THR A 25 -0.85 29.73 -8.81
N VAL A 26 -1.79 28.84 -8.49
CA VAL A 26 -2.85 28.44 -9.41
C VAL A 26 -4.20 28.50 -8.71
N THR A 27 -5.27 28.61 -9.52
CA THR A 27 -6.61 28.79 -8.95
C THR A 27 -7.19 27.50 -8.38
N HIS A 28 -6.71 26.34 -8.83
CA HIS A 28 -7.23 25.06 -8.38
C HIS A 28 -6.18 24.00 -8.69
N SER A 29 -6.00 23.05 -7.76
CA SER A 29 -5.07 21.96 -7.98
C SER A 29 -5.58 20.73 -7.23
N VAL A 30 -4.95 19.59 -7.52
CA VAL A 30 -5.32 18.33 -6.90
CA VAL A 30 -5.32 18.30 -6.94
C VAL A 30 -4.07 17.65 -6.37
N ASN A 31 -4.16 17.19 -5.13
CA ASN A 31 -3.08 16.44 -4.51
C ASN A 31 -3.13 15.01 -5.04
N LEU A 32 -1.97 14.46 -5.42
CA LEU A 32 -1.90 13.11 -5.93
C LEU A 32 -1.24 12.16 -4.94
N LEU A 33 -0.86 12.67 -3.77
CA LEU A 33 0.00 11.93 -2.84
C LEU A 33 -0.70 11.79 -1.50
N GLU A 34 -0.99 10.55 -1.10
CA GLU A 34 -1.42 10.27 0.26
C GLU A 34 -0.22 10.47 1.18
N ASP A 35 -0.36 11.35 2.17
CA ASP A 35 0.77 11.76 2.98
C ASP A 35 0.43 11.75 4.47
N SER A 36 -0.67 11.10 4.84
CA SER A 36 -1.05 10.95 6.23
C SER A 36 -1.54 9.53 6.46
N HIS A 37 -1.45 9.09 7.71
CA HIS A 37 -1.99 7.81 8.16
C HIS A 37 -2.75 8.02 9.46
N ASN A 38 -3.54 7.03 9.88
CA ASN A 38 -4.39 7.17 11.06
C ASN A 38 -3.76 6.59 12.31
N GLY A 39 -2.52 6.09 12.24
CA GLY A 39 -1.83 5.58 13.41
C GLY A 39 -2.37 4.31 14.00
N LYS A 40 -3.26 3.59 13.32
CA LYS A 40 -3.88 2.39 13.87
C LYS A 40 -3.63 1.19 12.99
N LEU A 41 -3.70 -0.01 13.59
CA LEU A 41 -3.87 -1.24 12.84
C LEU A 41 -5.36 -1.46 12.64
N CYS A 42 -5.75 -1.79 11.42
CA CYS A 42 -7.16 -1.88 11.08
C CYS A 42 -7.47 -3.22 10.42
N ARG A 43 -8.77 -3.50 10.34
CA ARG A 43 -9.23 -4.69 9.64
C ARG A 43 -9.16 -4.49 8.12
N LEU A 44 -9.01 -5.59 7.42
CA LEU A 44 -9.11 -5.65 5.97
CA LEU A 44 -9.11 -5.64 5.97
C LEU A 44 -10.31 -6.52 5.62
N LYS A 45 -11.27 -5.94 4.89
CA LYS A 45 -12.49 -6.65 4.51
C LYS A 45 -13.19 -7.24 5.75
N GLY A 46 -13.17 -6.49 6.84
CA GLY A 46 -13.80 -6.88 8.07
C GLY A 46 -13.05 -7.92 8.89
N ILE A 47 -11.87 -8.34 8.46
CA ILE A 47 -11.10 -9.39 9.11
C ILE A 47 -9.91 -8.76 9.82
N ALA A 48 -9.75 -9.08 11.10
CA ALA A 48 -8.67 -8.53 11.91
C ALA A 48 -7.35 -9.25 11.63
N PRO A 49 -6.22 -8.57 11.85
CA PRO A 49 -4.92 -9.24 11.73
C PRO A 49 -4.66 -10.12 12.95
N LEU A 50 -3.70 -11.01 12.78
CA LEU A 50 -3.17 -11.81 13.89
C LEU A 50 -2.03 -11.03 14.53
N GLN A 51 -2.22 -10.60 15.77
CA GLN A 51 -1.21 -9.85 16.49
C GLN A 51 -0.42 -10.82 17.36
N LEU A 52 0.84 -11.07 16.97
CA LEU A 52 1.66 -12.01 17.72
C LEU A 52 2.16 -11.43 19.02
N GLY A 53 2.08 -10.11 19.20
CA GLY A 53 2.43 -9.49 20.46
C GLY A 53 3.89 -9.71 20.81
N LYS A 54 4.11 -10.33 21.96
CA LYS A 54 5.45 -10.64 22.46
C LYS A 54 6.04 -11.90 21.84
N CYS A 55 5.31 -12.59 20.97
CA CYS A 55 5.79 -13.79 20.31
C CYS A 55 6.19 -13.51 18.86
N ASN A 56 7.09 -14.34 18.34
CA ASN A 56 7.36 -14.33 16.91
C ASN A 56 6.70 -15.55 16.25
N ILE A 57 6.94 -15.72 14.95
CA ILE A 57 6.32 -16.81 14.20
CA ILE A 57 6.29 -16.81 14.23
C ILE A 57 6.72 -18.16 14.79
N ALA A 58 7.98 -18.29 15.19
CA ALA A 58 8.43 -19.55 15.77
C ALA A 58 7.69 -19.86 17.07
N GLY A 59 7.58 -18.87 17.96
CA GLY A 59 6.90 -19.11 19.23
C GLY A 59 5.44 -19.46 19.04
N TRP A 60 4.81 -18.82 18.08
CA TRP A 60 3.41 -19.10 17.74
C TRP A 60 3.23 -20.53 17.22
N LEU A 61 4.04 -20.92 16.23
CA LEU A 61 3.80 -22.20 15.57
C LEU A 61 4.30 -23.38 16.39
N LEU A 62 5.37 -23.19 17.19
CA LEU A 62 5.78 -24.26 18.09
C LEU A 62 4.90 -24.32 19.32
N GLY A 63 4.24 -23.22 19.67
CA GLY A 63 3.43 -23.18 20.87
C GLY A 63 4.23 -22.90 22.12
N ASN A 64 5.22 -22.02 22.03
CA ASN A 64 5.90 -21.53 23.22
C ASN A 64 4.87 -21.15 24.27
N PRO A 65 4.96 -21.66 25.50
CA PRO A 65 3.86 -21.46 26.46
C PRO A 65 3.43 -20.01 26.62
N GLU A 66 4.37 -19.08 26.56
CA GLU A 66 4.04 -17.66 26.69
C GLU A 66 3.20 -17.14 25.54
N CYS A 67 2.88 -17.99 24.57
CA CYS A 67 2.05 -17.61 23.43
C CYS A 67 0.67 -18.25 23.48
N ASP A 68 0.28 -18.81 24.63
CA ASP A 68 -1.02 -19.48 24.71
C ASP A 68 -2.22 -18.64 24.24
N PRO A 69 -2.29 -17.33 24.42
CA PRO A 69 -3.46 -16.59 23.91
C PRO A 69 -3.62 -16.67 22.40
N LEU A 70 -2.57 -17.01 21.66
CA LEU A 70 -2.67 -17.13 20.20
C LEU A 70 -3.27 -18.44 19.74
N LEU A 71 -3.30 -19.46 20.60
CA LEU A 71 -3.64 -20.82 20.15
C LEU A 71 -4.97 -20.94 19.43
N PRO A 72 -6.07 -20.30 19.86
CA PRO A 72 -7.35 -20.52 19.19
C PRO A 72 -7.59 -19.65 17.95
N VAL A 73 -6.70 -18.72 17.61
CA VAL A 73 -6.95 -17.85 16.46
C VAL A 73 -6.78 -18.67 15.19
N ARG A 74 -7.82 -18.64 14.34
CA ARG A 74 -7.86 -19.51 13.18
C ARG A 74 -7.81 -18.79 11.84
N SER A 75 -8.07 -17.49 11.79
CA SER A 75 -8.05 -16.75 10.54
C SER A 75 -7.62 -15.31 10.81
N TRP A 76 -7.04 -14.69 9.78
CA TRP A 76 -6.50 -13.34 9.91
C TRP A 76 -6.30 -12.74 8.53
N SER A 77 -6.25 -11.41 8.49
CA SER A 77 -6.04 -10.68 7.25
C SER A 77 -4.58 -10.34 6.98
N TYR A 78 -3.74 -10.34 8.00
CA TYR A 78 -2.30 -10.19 7.89
C TYR A 78 -1.73 -10.53 9.26
N ILE A 79 -0.41 -10.71 9.32
CA ILE A 79 0.29 -11.09 10.55
C ILE A 79 1.15 -9.92 11.00
N VAL A 80 1.05 -9.56 12.29
CA VAL A 80 1.76 -8.42 12.86
C VAL A 80 2.70 -8.90 13.95
N GLU A 81 4.00 -8.68 13.75
CA GLU A 81 5.00 -8.82 14.80
C GLU A 81 5.31 -7.45 15.37
N THR A 82 5.74 -7.40 16.62
CA THR A 82 6.12 -6.17 17.26
C THR A 82 7.64 -6.09 17.39
N PRO A 83 8.19 -4.91 17.67
CA PRO A 83 9.60 -4.86 18.08
C PRO A 83 9.87 -5.69 19.33
N ASN A 84 8.83 -6.02 20.11
CA ASN A 84 8.91 -6.85 21.29
C ASN A 84 8.62 -8.33 21.02
N SER A 85 8.60 -8.75 19.76
CA SER A 85 8.29 -10.15 19.42
C SER A 85 9.50 -11.01 19.75
N GLU A 86 9.63 -11.32 21.05
CA GLU A 86 10.78 -11.99 21.64
C GLU A 86 10.56 -13.47 21.91
N ASN A 87 9.37 -13.85 22.38
CA ASN A 87 9.09 -15.24 22.74
C ASN A 87 9.03 -16.09 21.48
N GLY A 88 10.08 -16.88 21.26
CA GLY A 88 10.12 -17.74 20.10
C GLY A 88 10.58 -19.12 20.48
N ILE A 89 11.79 -19.49 20.06
CA ILE A 89 12.39 -20.75 20.50
C ILE A 89 12.88 -20.53 21.93
N CYS A 90 12.20 -21.16 22.89
CA CYS A 90 12.61 -21.01 24.28
C CYS A 90 13.69 -21.99 24.69
N TYR A 91 13.75 -23.17 24.05
CA TYR A 91 14.90 -24.03 24.20
C TYR A 91 15.84 -23.75 23.04
N PRO A 92 17.09 -23.33 23.28
CA PRO A 92 17.90 -22.77 22.20
C PRO A 92 18.28 -23.82 21.15
N GLY A 93 18.44 -23.33 19.93
CA GLY A 93 18.77 -24.19 18.82
C GLY A 93 18.46 -23.48 17.51
N ASP A 94 18.62 -24.22 16.42
CA ASP A 94 18.41 -23.67 15.10
C ASP A 94 17.06 -24.11 14.53
N PHE A 95 16.33 -23.16 13.98
CA PHE A 95 15.07 -23.42 13.28
C PHE A 95 15.41 -23.51 11.79
N ILE A 96 15.46 -24.75 11.28
CA ILE A 96 15.97 -24.98 9.93
C ILE A 96 14.95 -24.48 8.91
N ASP A 97 15.45 -23.75 7.91
CA ASP A 97 14.61 -23.16 6.86
C ASP A 97 13.49 -22.30 7.43
N TYR A 98 13.83 -21.55 8.49
CA TYR A 98 12.86 -20.68 9.13
C TYR A 98 12.34 -19.59 8.19
N GLU A 99 13.22 -19.00 7.39
CA GLU A 99 12.78 -17.90 6.52
C GLU A 99 11.82 -18.41 5.45
N GLU A 100 12.07 -19.62 4.92
CA GLU A 100 11.13 -20.23 4.00
C GLU A 100 9.79 -20.51 4.68
N LEU A 101 9.83 -20.94 5.94
CA LEU A 101 8.55 -21.15 6.65
C LEU A 101 7.78 -19.85 6.78
N ARG A 102 8.47 -18.75 7.14
CA ARG A 102 7.79 -17.45 7.19
C ARG A 102 7.19 -17.09 5.83
N GLU A 103 7.96 -17.33 4.75
CA GLU A 103 7.44 -17.05 3.42
C GLU A 103 6.17 -17.85 3.13
N GLN A 104 6.14 -19.12 3.56
CA GLN A 104 4.94 -19.94 3.39
C GLN A 104 3.76 -19.36 4.16
N LEU A 105 3.99 -18.96 5.42
CA LEU A 105 2.91 -18.42 6.23
C LEU A 105 2.39 -17.10 5.69
N SER A 106 3.21 -16.40 4.88
CA SER A 106 2.79 -15.12 4.32
CA SER A 106 2.78 -15.11 4.34
C SER A 106 1.61 -15.23 3.36
N SER A 107 1.29 -16.44 2.88
CA SER A 107 0.14 -16.63 2.02
C SER A 107 -0.92 -17.52 2.66
N VAL A 108 -0.88 -17.69 3.98
CA VAL A 108 -1.88 -18.49 4.69
C VAL A 108 -2.89 -17.53 5.30
N SER A 109 -4.17 -17.71 4.97
CA SER A 109 -5.19 -16.83 5.53
C SER A 109 -5.98 -17.48 6.67
N SER A 110 -5.81 -18.77 6.90
CA SER A 110 -6.48 -19.47 7.99
C SER A 110 -5.86 -20.86 8.11
N PHE A 111 -6.00 -21.44 9.29
CA PHE A 111 -5.67 -22.85 9.40
C PHE A 111 -6.51 -23.51 10.50
N GLU A 112 -6.41 -24.83 10.52
CA GLU A 112 -7.00 -25.68 11.56
C GLU A 112 -5.84 -26.30 12.31
N ARG A 113 -5.73 -25.98 13.60
CA ARG A 113 -4.79 -26.64 14.48
C ARG A 113 -5.45 -27.90 15.03
N PHE A 114 -4.81 -29.05 14.82
CA PHE A 114 -5.43 -30.33 15.20
C PHE A 114 -4.37 -31.26 15.76
N GLU A 115 -4.82 -32.26 16.53
CA GLU A 115 -3.92 -33.26 17.09
CA GLU A 115 -3.92 -33.26 17.09
C GLU A 115 -3.50 -34.26 16.01
N ILE A 116 -2.23 -34.21 15.63
CA ILE A 116 -1.73 -35.19 14.68
C ILE A 116 -1.36 -36.49 15.40
N PHE A 117 -0.82 -36.39 16.61
CA PHE A 117 -0.44 -37.56 17.40
C PHE A 117 -0.90 -37.35 18.83
N PRO A 118 -2.06 -37.89 19.23
CA PRO A 118 -2.50 -37.75 20.63
C PRO A 118 -1.44 -38.25 21.60
N LYS A 119 -1.29 -37.49 22.69
CA LYS A 119 -0.15 -37.64 23.61
C LYS A 119 -0.04 -39.03 24.19
N GLU A 120 -1.15 -39.59 24.65
CA GLU A 120 -1.10 -40.80 25.48
C GLU A 120 -1.36 -42.08 24.70
N SER A 121 -1.59 -42.00 23.39
CA SER A 121 -1.81 -43.19 22.59
C SER A 121 -0.77 -43.38 21.49
N SER A 122 0.07 -42.40 21.22
CA SER A 122 0.91 -42.46 20.03
C SER A 122 2.29 -43.06 20.28
N TRP A 123 2.77 -43.07 21.52
CA TRP A 123 4.18 -43.37 21.80
C TRP A 123 4.31 -44.35 22.97
N PRO A 124 3.69 -45.53 22.86
CA PRO A 124 3.72 -46.47 24.00
C PRO A 124 5.16 -46.84 24.34
N ASN A 125 5.37 -47.07 25.64
CA ASN A 125 6.65 -47.48 26.22
C ASN A 125 7.67 -46.34 26.26
N HIS A 126 7.20 -45.10 26.14
CA HIS A 126 8.03 -43.92 26.34
C HIS A 126 7.32 -42.96 27.30
N ASN A 127 8.12 -42.19 28.03
CA ASN A 127 7.56 -41.12 28.81
C ASN A 127 7.28 -39.93 27.90
N THR A 128 6.23 -39.20 28.23
CA THR A 128 5.79 -38.06 27.42
C THR A 128 5.68 -36.78 28.24
N ASN A 129 6.29 -36.74 29.43
CA ASN A 129 6.07 -35.64 30.36
C ASN A 129 7.27 -34.71 30.49
N GLY A 130 8.27 -34.83 29.61
CA GLY A 130 9.41 -33.94 29.65
C GLY A 130 9.08 -32.47 29.58
N VAL A 131 9.63 -31.69 30.51
CA VAL A 131 9.51 -30.23 30.52
C VAL A 131 10.90 -29.65 30.76
N THR A 132 10.98 -28.33 30.65
CA THR A 132 12.24 -27.65 30.85
C THR A 132 11.99 -26.26 31.40
N ALA A 133 12.94 -25.80 32.23
CA ALA A 133 12.87 -24.45 32.78
C ALA A 133 13.15 -23.40 31.72
N ALA A 134 13.77 -23.77 30.60
CA ALA A 134 14.00 -22.81 29.53
C ALA A 134 12.69 -22.41 28.85
N CYS A 135 11.64 -23.21 29.01
CA CYS A 135 10.32 -22.90 28.48
C CYS A 135 9.32 -22.80 29.62
N SER A 136 9.53 -21.84 30.52
CA SER A 136 8.77 -21.83 31.75
C SER A 136 7.41 -21.15 31.55
N HIS A 137 6.51 -21.45 32.47
CA HIS A 137 5.15 -20.91 32.44
C HIS A 137 4.58 -21.02 33.85
N GLU A 138 4.05 -19.90 34.35
CA GLU A 138 3.62 -19.79 35.75
C GLU A 138 4.76 -20.07 36.72
N GLY A 139 5.97 -19.65 36.36
CA GLY A 139 7.14 -19.99 37.15
C GLY A 139 7.45 -21.47 37.23
N LYS A 140 6.78 -22.30 36.44
CA LYS A 140 7.03 -23.73 36.41
C LYS A 140 7.60 -24.12 35.05
N SER A 141 8.50 -25.11 35.07
CA SER A 141 9.03 -25.67 33.82
C SER A 141 7.89 -26.17 32.95
N SER A 142 8.02 -25.97 31.65
CA SER A 142 6.92 -26.34 30.74
C SER A 142 7.53 -26.74 29.41
N PHE A 143 6.74 -26.68 28.34
CA PHE A 143 7.22 -27.10 27.03
C PHE A 143 6.26 -26.56 25.98
N TYR A 144 6.74 -26.62 24.73
CA TYR A 144 5.93 -26.27 23.58
C TYR A 144 4.61 -27.00 23.59
N ARG A 145 3.53 -26.29 23.28
CA ARG A 145 2.20 -26.91 23.28
C ARG A 145 2.00 -27.83 22.09
N ASN A 146 2.74 -27.63 21.00
CA ASN A 146 2.48 -28.36 19.78
C ASN A 146 3.44 -29.51 19.56
N LEU A 147 4.41 -29.70 20.46
CA LEU A 147 5.40 -30.76 20.39
C LEU A 147 5.38 -31.54 21.71
N LEU A 148 6.09 -32.66 21.71
CA LEU A 148 6.08 -33.55 22.86
C LEU A 148 7.48 -34.14 23.05
N TRP A 149 8.01 -34.00 24.27
CA TRP A 149 9.36 -34.47 24.58
C TRP A 149 9.27 -35.92 25.03
N LEU A 150 9.67 -36.84 24.17
CA LEU A 150 9.64 -38.26 24.46
C LEU A 150 10.95 -38.63 25.15
N THR A 151 10.86 -39.37 26.25
CA THR A 151 12.06 -39.83 26.95
CA THR A 151 12.07 -39.83 26.95
C THR A 151 11.90 -41.30 27.32
N GLU A 152 13.00 -41.87 27.82
CA GLU A 152 12.98 -43.28 28.19
C GLU A 152 11.94 -43.55 29.28
N LYS A 153 11.49 -44.79 29.35
CA LYS A 153 10.59 -45.24 30.39
C LYS A 153 11.15 -46.52 30.99
N GLU A 154 11.23 -46.55 32.32
CA GLU A 154 11.76 -47.72 33.05
C GLU A 154 13.16 -48.08 32.56
N GLY A 155 13.99 -47.08 32.30
CA GLY A 155 15.35 -47.31 31.83
C GLY A 155 15.45 -47.82 30.41
N SER A 156 14.44 -47.59 29.57
CA SER A 156 14.47 -48.11 28.22
C SER A 156 13.76 -47.13 27.27
N TYR A 157 14.31 -46.97 26.08
CA TYR A 157 13.70 -46.17 25.02
C TYR A 157 13.63 -47.08 23.81
N PRO A 158 12.60 -47.92 23.71
CA PRO A 158 12.46 -48.79 22.54
C PRO A 158 12.28 -48.00 21.26
N LYS A 159 12.62 -48.63 20.14
CA LYS A 159 12.40 -48.02 18.84
C LYS A 159 10.91 -47.81 18.61
N LEU A 160 10.56 -46.62 18.12
CA LEU A 160 9.19 -46.26 17.85
C LEU A 160 9.02 -45.99 16.36
N LYS A 161 7.79 -46.19 15.90
CA LYS A 161 7.39 -45.90 14.54
C LYS A 161 5.92 -45.51 14.57
N ASN A 162 5.60 -44.35 13.99
CA ASN A 162 4.18 -44.00 13.82
C ASN A 162 4.03 -43.17 12.56
N SER A 163 2.79 -43.11 12.06
CA SER A 163 2.52 -42.44 10.80
CA SER A 163 2.49 -42.47 10.78
C SER A 163 1.18 -41.71 10.89
N TYR A 164 1.04 -40.70 10.03
CA TYR A 164 -0.19 -39.94 9.90
C TYR A 164 -0.51 -39.75 8.42
N VAL A 165 -1.74 -40.07 8.04
CA VAL A 165 -2.22 -39.89 6.66
C VAL A 165 -3.02 -38.60 6.58
N ASN A 166 -2.64 -37.74 5.65
CA ASN A 166 -3.31 -36.45 5.50
C ASN A 166 -4.64 -36.64 4.78
N LYS A 167 -5.74 -36.68 5.53
CA LYS A 167 -7.06 -36.72 4.95
C LYS A 167 -7.80 -35.40 5.14
N LYS A 168 -7.06 -34.30 5.26
CA LYS A 168 -7.63 -32.98 5.48
C LYS A 168 -8.09 -32.31 4.20
N GLY A 169 -7.69 -32.81 3.02
CA GLY A 169 -7.98 -32.10 1.80
C GLY A 169 -7.22 -30.80 1.64
N LYS A 170 -6.17 -30.60 2.44
CA LYS A 170 -5.37 -29.39 2.43
C LYS A 170 -3.96 -29.74 2.89
N GLU A 171 -2.99 -28.90 2.53
CA GLU A 171 -1.63 -29.10 3.01
CA GLU A 171 -1.63 -29.07 3.01
C GLU A 171 -1.60 -29.02 4.53
N VAL A 172 -0.82 -29.91 5.14
CA VAL A 172 -0.67 -29.93 6.60
C VAL A 172 0.77 -29.57 6.93
N LEU A 173 0.96 -28.50 7.70
CA LEU A 173 2.26 -28.13 8.21
C LEU A 173 2.58 -28.98 9.43
N VAL A 174 3.65 -29.76 9.37
CA VAL A 174 4.10 -30.60 10.48
C VAL A 174 5.44 -30.07 10.97
N LEU A 175 5.54 -29.82 12.28
CA LEU A 175 6.77 -29.38 12.91
C LEU A 175 7.23 -30.43 13.91
N TRP A 176 8.55 -30.56 14.06
CA TRP A 176 9.12 -31.45 15.07
C TRP A 176 10.49 -30.91 15.46
N GLY A 177 11.09 -31.54 16.47
CA GLY A 177 12.39 -31.14 16.93
C GLY A 177 13.29 -32.35 17.11
N ILE A 178 14.59 -32.06 17.20
CA ILE A 178 15.62 -33.04 17.51
C ILE A 178 16.46 -32.45 18.63
N HIS A 179 16.62 -33.20 19.71
CA HIS A 179 17.41 -32.74 20.86
C HIS A 179 18.86 -33.18 20.70
N HIS A 180 19.79 -32.25 20.93
CA HIS A 180 21.23 -32.47 20.92
C HIS A 180 21.76 -32.21 22.31
N PRO A 181 21.93 -33.23 23.14
CA PRO A 181 22.33 -33.01 24.53
C PRO A 181 23.76 -32.50 24.61
N PRO A 182 24.17 -31.94 25.75
CA PRO A 182 25.52 -31.39 25.87
C PRO A 182 26.60 -32.46 26.02
N ASN A 183 26.25 -33.60 26.63
CA ASN A 183 27.24 -34.64 26.89
C ASN A 183 26.58 -36.00 26.79
N SER A 184 27.42 -37.05 26.72
CA SER A 184 26.94 -38.41 26.53
C SER A 184 26.12 -38.91 27.70
N LYS A 185 26.40 -38.40 28.91
CA LYS A 185 25.65 -38.84 30.09
C LYS A 185 24.19 -38.44 30.00
N GLU A 186 23.91 -37.20 29.59
CA GLU A 186 22.52 -36.77 29.41
C GLU A 186 21.85 -37.54 28.29
N GLN A 187 22.59 -37.81 27.20
CA GLN A 187 22.06 -38.62 26.11
C GLN A 187 21.57 -39.97 26.62
N GLN A 188 22.39 -40.65 27.42
CA GLN A 188 21.98 -41.96 27.91
C GLN A 188 20.91 -41.88 28.98
N ASN A 189 20.93 -40.84 29.82
CA ASN A 189 19.90 -40.70 30.83
C ASN A 189 18.52 -40.46 30.21
N LEU A 190 18.48 -39.76 29.07
CA LEU A 190 17.21 -39.42 28.45
C LEU A 190 16.73 -40.47 27.46
N TYR A 191 17.62 -40.99 26.61
CA TYR A 191 17.23 -41.80 25.48
C TYR A 191 17.87 -43.17 25.44
N GLN A 192 18.69 -43.51 26.44
CA GLN A 192 19.34 -44.81 26.58
C GLN A 192 20.36 -45.10 25.48
N ASN A 193 19.94 -45.01 24.22
CA ASN A 193 20.80 -45.38 23.10
C ASN A 193 21.76 -44.24 22.76
N GLU A 194 23.06 -44.52 22.82
CA GLU A 194 24.06 -43.50 22.51
C GLU A 194 24.09 -43.21 21.01
N ASN A 195 23.95 -44.24 20.19
CA ASN A 195 23.94 -44.07 18.72
C ASN A 195 22.53 -44.01 18.19
N ALA A 196 21.73 -43.10 18.75
CA ALA A 196 20.33 -43.00 18.37
C ALA A 196 20.18 -42.37 17.00
N TYR A 197 19.01 -42.57 16.40
CA TYR A 197 18.70 -41.96 15.12
C TYR A 197 17.22 -41.57 15.11
N VAL A 198 16.90 -40.59 14.28
CA VAL A 198 15.52 -40.25 13.96
C VAL A 198 15.39 -40.24 12.44
N SER A 199 14.27 -40.73 11.94
CA SER A 199 13.96 -40.69 10.52
C SER A 199 12.60 -40.04 10.33
N VAL A 200 12.51 -39.07 9.43
CA VAL A 200 11.24 -38.48 9.05
C VAL A 200 11.10 -38.57 7.54
N VAL A 201 10.06 -39.24 7.07
CA VAL A 201 9.86 -39.43 5.63
C VAL A 201 8.42 -39.13 5.26
N THR A 202 8.24 -38.46 4.13
CA THR A 202 6.99 -38.45 3.40
C THR A 202 7.29 -39.01 2.00
N SER A 203 6.38 -38.80 1.06
CA SER A 203 6.68 -39.22 -0.30
C SER A 203 7.74 -38.32 -0.91
N ASN A 204 7.71 -37.02 -0.58
CA ASN A 204 8.63 -36.03 -1.12
C ASN A 204 9.41 -35.31 -0.02
N TYR A 205 9.74 -36.03 1.05
CA TYR A 205 10.61 -35.52 2.10
C TYR A 205 11.28 -36.71 2.77
N ASN A 206 12.58 -36.59 3.06
CA ASN A 206 13.24 -37.61 3.84
C ASN A 206 14.47 -37.01 4.49
N ARG A 207 14.61 -37.24 5.80
CA ARG A 207 15.79 -36.78 6.50
C ARG A 207 16.06 -37.65 7.72
N ARG A 208 17.34 -37.96 7.92
CA ARG A 208 17.80 -38.68 9.09
CA ARG A 208 17.82 -38.68 9.09
C ARG A 208 18.55 -37.71 9.99
N PHE A 209 18.39 -37.89 11.30
CA PHE A 209 18.98 -37.04 12.31
C PHE A 209 19.69 -37.88 13.35
N THR A 210 20.76 -37.34 13.92
CA THR A 210 21.58 -38.00 14.92
C THR A 210 21.74 -37.09 16.14
N PRO A 211 22.21 -37.63 17.27
CA PRO A 211 22.27 -36.81 18.49
C PRO A 211 23.17 -35.58 18.40
N GLU A 212 24.26 -35.63 17.64
CA GLU A 212 25.18 -34.49 17.50
C GLU A 212 25.53 -33.90 18.86
N ILE A 213 26.01 -34.76 19.76
CA ILE A 213 26.32 -34.33 21.11
C ILE A 213 27.47 -33.35 21.10
N ALA A 214 27.31 -32.26 21.86
CA ALA A 214 28.30 -31.18 21.88
C ALA A 214 27.93 -30.18 22.98
N GLU A 215 28.95 -29.71 23.70
CA GLU A 215 28.81 -28.70 24.74
C GLU A 215 28.92 -27.33 24.09
N ARG A 216 27.89 -26.53 24.19
CA ARG A 216 27.80 -25.22 23.60
C ARG A 216 27.85 -24.14 24.66
N PRO A 217 28.28 -22.93 24.30
CA PRO A 217 28.09 -21.78 25.20
C PRO A 217 26.64 -21.69 25.56
N LYS A 218 26.37 -21.52 26.85
CA LYS A 218 25.00 -21.64 27.33
C LYS A 218 24.15 -20.49 26.85
N VAL A 219 22.97 -20.83 26.35
CA VAL A 219 21.91 -19.90 26.04
C VAL A 219 20.69 -20.32 26.84
N ARG A 220 20.15 -19.38 27.63
CA ARG A 220 19.00 -19.64 28.48
C ARG A 220 19.22 -20.86 29.36
N ASP A 221 20.43 -20.95 29.95
CA ASP A 221 20.76 -21.96 30.95
C ASP A 221 20.90 -23.36 30.36
N GLN A 222 21.12 -23.48 29.06
CA GLN A 222 21.17 -24.78 28.40
C GLN A 222 22.49 -24.94 27.66
N ALA A 223 23.23 -26.00 28.01
CA ALA A 223 24.42 -26.35 27.24
C ALA A 223 24.06 -27.16 26.00
N GLY A 224 22.92 -27.86 26.04
CA GLY A 224 22.41 -28.56 24.89
C GLY A 224 21.57 -27.67 24.01
N ARG A 225 21.08 -28.26 22.92
CA ARG A 225 20.33 -27.51 21.92
C ARG A 225 19.19 -28.37 21.41
N MET A 226 18.23 -27.72 20.76
CA MET A 226 17.13 -28.41 20.12
C MET A 226 16.97 -27.76 18.75
N ASN A 227 17.09 -28.55 17.69
CA ASN A 227 16.84 -28.03 16.36
C ASN A 227 15.40 -28.32 15.96
N TYR A 228 14.83 -27.42 15.15
CA TYR A 228 13.43 -27.47 14.78
C TYR A 228 13.31 -27.60 13.27
N TYR A 229 12.39 -28.46 12.83
CA TYR A 229 12.23 -28.82 11.43
C TYR A 229 10.75 -28.83 11.10
N TRP A 230 10.46 -28.69 9.81
CA TRP A 230 9.08 -28.67 9.35
C TRP A 230 9.01 -29.23 7.95
N THR A 231 7.81 -29.67 7.58
CA THR A 231 7.52 -29.94 6.18
C THR A 231 6.02 -29.76 5.93
N LEU A 232 5.68 -29.60 4.66
CA LEU A 232 4.28 -29.52 4.22
C LEU A 232 3.90 -30.88 3.65
N LEU A 233 2.99 -31.55 4.34
CA LEU A 233 2.47 -32.85 3.94
C LEU A 233 1.28 -32.62 3.02
N LYS A 234 1.41 -33.02 1.75
CA LYS A 234 0.37 -32.76 0.78
C LYS A 234 -0.83 -33.66 1.03
N PRO A 235 -2.02 -33.24 0.57
CA PRO A 235 -3.22 -34.07 0.77
C PRO A 235 -3.03 -35.49 0.24
N GLY A 236 -3.51 -36.45 1.02
CA GLY A 236 -3.42 -37.84 0.66
C GLY A 236 -2.12 -38.53 1.03
N ASP A 237 -1.07 -37.77 1.32
CA ASP A 237 0.24 -38.32 1.61
C ASP A 237 0.35 -38.70 3.08
N THR A 238 1.37 -39.49 3.40
CA THR A 238 1.64 -40.01 4.73
C THR A 238 2.99 -39.50 5.22
N ILE A 239 3.05 -39.10 6.48
CA ILE A 239 4.33 -38.82 7.13
C ILE A 239 4.61 -39.92 8.15
N ILE A 240 5.87 -40.37 8.18
CA ILE A 240 6.31 -41.46 9.05
C ILE A 240 7.48 -40.97 9.90
N PHE A 241 7.35 -41.15 11.22
CA PHE A 241 8.38 -40.87 12.20
C PHE A 241 8.91 -42.18 12.76
N GLU A 242 10.23 -42.33 12.79
CA GLU A 242 10.90 -43.50 13.34
C GLU A 242 12.04 -43.04 14.23
N ALA A 243 12.20 -43.63 15.41
CA ALA A 243 13.24 -43.11 16.29
C ALA A 243 13.56 -44.08 17.41
N ASN A 244 14.83 -44.07 17.84
CA ASN A 244 15.21 -44.68 19.11
C ASN A 244 15.87 -43.66 20.03
N GLY A 245 15.61 -42.37 19.82
CA GLY A 245 16.05 -41.35 20.74
C GLY A 245 15.86 -39.96 20.14
N ASN A 246 15.91 -38.92 20.99
CA ASN A 246 16.15 -37.54 20.61
C ASN A 246 15.00 -36.84 19.87
N LEU A 247 13.96 -37.59 19.49
CA LEU A 247 12.84 -37.00 18.78
C LEU A 247 11.98 -36.16 19.72
N ILE A 248 11.77 -34.89 19.35
CA ILE A 248 10.76 -34.04 19.96
C ILE A 248 9.58 -34.12 18.99
N ALA A 249 8.59 -34.93 19.35
CA ALA A 249 7.59 -35.40 18.40
C ALA A 249 6.53 -34.33 18.12
N PRO A 250 5.95 -34.34 16.92
CA PRO A 250 4.77 -33.53 16.68
C PRO A 250 3.62 -33.99 17.55
N MET A 251 2.86 -33.03 18.07
CA MET A 251 1.60 -33.34 18.73
CA MET A 251 1.61 -33.31 18.76
C MET A 251 0.43 -32.65 18.07
N TYR A 252 0.54 -31.35 17.78
CA TYR A 252 -0.44 -30.60 16.99
C TYR A 252 0.20 -30.19 15.67
N ALA A 253 -0.59 -30.23 14.60
CA ALA A 253 -0.17 -29.77 13.27
C ALA A 253 -1.25 -28.85 12.72
N PHE A 254 -1.02 -28.29 11.52
CA PHE A 254 -1.87 -27.22 11.00
C PHE A 254 -2.32 -27.55 9.59
N ALA A 255 -3.63 -27.64 9.37
CA ALA A 255 -4.18 -27.78 8.03
C ALA A 255 -4.35 -26.37 7.46
N LEU A 256 -3.61 -26.08 6.37
CA LEU A 256 -3.46 -24.72 5.88
C LEU A 256 -4.45 -24.40 4.76
N SER A 257 -5.06 -23.23 4.85
CA SER A 257 -5.81 -22.60 3.76
C SER A 257 -5.06 -21.38 3.24
N ARG A 258 -4.88 -21.33 1.92
CA ARG A 258 -4.15 -20.27 1.25
C ARG A 258 -5.08 -19.14 0.81
N GLY A 259 -4.55 -17.91 0.89
CA GLY A 259 -5.26 -16.76 0.38
C GLY A 259 -4.29 -15.80 -0.28
N PHE A 260 -4.85 -14.86 -1.03
CA PHE A 260 -4.08 -13.81 -1.66
C PHE A 260 -4.17 -12.54 -0.82
N GLY A 261 -3.11 -11.74 -0.89
CA GLY A 261 -3.14 -10.42 -0.30
C GLY A 261 -2.82 -10.34 1.18
N SER A 262 -2.27 -11.41 1.76
CA SER A 262 -1.82 -11.35 3.14
C SER A 262 -0.35 -10.96 3.18
N GLY A 263 0.20 -10.86 4.38
CA GLY A 263 1.61 -10.61 4.55
C GLY A 263 1.95 -10.51 6.02
N ILE A 264 3.25 -10.31 6.29
CA ILE A 264 3.77 -10.15 7.63
C ILE A 264 4.44 -8.78 7.72
N ILE A 265 4.00 -7.98 8.71
CA ILE A 265 4.61 -6.67 8.97
C ILE A 265 5.00 -6.60 10.43
N THR A 266 5.98 -5.73 10.71
CA THR A 266 6.39 -5.38 12.07
C THR A 266 5.90 -3.97 12.36
N SER A 267 5.25 -3.80 13.51
CA SER A 267 4.57 -2.54 13.79
C SER A 267 4.50 -2.31 15.29
N ASN A 268 4.62 -1.04 15.68
CA ASN A 268 4.42 -0.62 17.06
C ASN A 268 3.01 -0.05 17.28
N ALA A 269 2.18 -0.02 16.25
CA ALA A 269 0.84 0.55 16.34
C ALA A 269 -0.13 -0.43 17.00
N SER A 270 -1.21 0.12 17.54
CA SER A 270 -2.21 -0.67 18.25
C SER A 270 -3.43 -0.94 17.38
N MET A 271 -4.08 -2.07 17.65
CA MET A 271 -5.31 -2.41 16.97
C MET A 271 -6.46 -1.55 17.45
N HIS A 272 -7.30 -1.11 16.52
CA HIS A 272 -8.55 -0.42 16.81
C HIS A 272 -9.64 -1.03 15.95
N GLU A 273 -10.90 -0.72 16.29
CA GLU A 273 -12.03 -1.19 15.50
C GLU A 273 -12.25 -0.23 14.33
N CYS A 274 -11.28 -0.24 13.42
CA CYS A 274 -11.31 0.53 12.19
C CYS A 274 -11.20 -0.41 10.99
N ASN A 275 -11.54 0.13 9.83
CA ASN A 275 -11.52 -0.61 8.58
C ASN A 275 -10.75 0.18 7.53
N THR A 276 -9.96 -0.53 6.73
CA THR A 276 -9.19 0.11 5.68
C THR A 276 -9.14 -0.80 4.47
N LYS A 277 -8.73 -0.24 3.33
CA LYS A 277 -8.28 -1.05 2.21
C LYS A 277 -6.77 -1.19 2.13
N CYS A 278 -6.01 -0.37 2.87
CA CYS A 278 -4.55 -0.35 2.76
C CYS A 278 -3.97 -0.13 4.14
N GLN A 279 -3.17 -1.07 4.62
CA GLN A 279 -2.52 -1.00 5.92
C GLN A 279 -1.02 -0.84 5.74
N THR A 280 -0.42 0.07 6.52
CA THR A 280 1.04 0.14 6.61
C THR A 280 1.48 -0.11 8.05
N PRO A 281 2.77 -0.31 8.31
CA PRO A 281 3.19 -0.51 9.71
C PRO A 281 3.04 0.73 10.59
N LEU A 282 2.88 1.90 10.00
CA LEU A 282 2.65 3.11 10.78
C LEU A 282 1.18 3.35 11.06
N GLY A 283 0.30 2.78 10.25
CA GLY A 283 -1.12 3.06 10.33
C GLY A 283 -1.76 2.86 8.98
N ALA A 284 -3.10 2.90 9.00
CA ALA A 284 -3.88 2.72 7.78
C ALA A 284 -3.85 3.99 6.95
N ILE A 285 -3.99 3.82 5.63
CA ILE A 285 -3.89 4.87 4.64
CA ILE A 285 -3.96 4.95 4.71
C ILE A 285 -5.09 4.79 3.70
N ASN A 286 -5.48 5.92 3.11
CA ASN A 286 -6.54 5.86 2.11
C ASN A 286 -5.98 5.31 0.80
N SER A 287 -6.88 4.94 -0.10
CA SER A 287 -6.48 4.24 -1.32
C SER A 287 -6.93 4.93 -2.60
N SER A 288 -7.48 6.14 -2.50
CA SER A 288 -8.04 6.82 -3.66
CA SER A 288 -8.04 6.82 -3.66
C SER A 288 -6.98 7.43 -4.58
N LEU A 289 -5.86 7.84 -4.03
CA LEU A 289 -4.86 8.53 -4.84
C LEU A 289 -3.81 7.55 -5.36
N PRO A 290 -3.10 7.91 -6.43
CA PRO A 290 -2.19 6.94 -7.07
C PRO A 290 -0.89 6.70 -6.33
N TYR A 291 -0.47 7.61 -5.45
CA TYR A 291 0.83 7.53 -4.82
C TYR A 291 0.71 7.79 -3.33
N GLN A 292 1.69 7.30 -2.56
CA GLN A 292 1.76 7.57 -1.12
C GLN A 292 3.21 7.61 -0.70
N ASN A 293 3.51 8.43 0.33
CA ASN A 293 4.87 8.51 0.84
C ASN A 293 4.97 8.14 2.33
N ILE A 294 4.02 7.33 2.82
CA ILE A 294 4.01 6.96 4.23
C ILE A 294 5.00 5.83 4.52
N HIS A 295 4.97 4.77 3.72
CA HIS A 295 5.80 3.61 4.03
C HIS A 295 5.87 2.64 2.85
N PRO A 296 7.04 2.06 2.57
CA PRO A 296 7.12 1.12 1.44
C PRO A 296 6.43 -0.21 1.68
N VAL A 297 6.20 -0.60 2.93
CA VAL A 297 5.55 -1.86 3.25
C VAL A 297 4.05 -1.62 3.37
N THR A 298 3.28 -2.25 2.49
CA THR A 298 1.83 -2.10 2.55
C THR A 298 1.13 -3.44 2.35
N ILE A 299 -0.06 -3.54 2.95
CA ILE A 299 -0.96 -4.69 2.81
C ILE A 299 -2.27 -4.15 2.25
N GLY A 300 -2.77 -4.76 1.18
CA GLY A 300 -4.06 -4.41 0.64
C GLY A 300 -3.98 -3.73 -0.72
N GLU A 301 -5.07 -3.05 -1.08
CA GLU A 301 -5.16 -2.32 -2.35
C GLU A 301 -4.64 -0.91 -2.07
N CYS A 302 -3.44 -0.63 -2.53
CA CYS A 302 -2.67 0.49 -2.02
C CYS A 302 -2.14 1.38 -3.13
N PRO A 303 -1.97 2.66 -2.86
CA PRO A 303 -1.15 3.50 -3.75
C PRO A 303 0.29 3.03 -3.79
N LYS A 304 1.00 3.49 -4.82
CA LYS A 304 2.40 3.17 -5.01
CA LYS A 304 2.40 3.17 -5.01
C LYS A 304 3.26 4.06 -4.12
N TYR A 305 4.21 3.45 -3.40
CA TYR A 305 5.11 4.22 -2.57
C TYR A 305 6.11 5.00 -3.43
N VAL A 306 6.29 6.28 -3.11
CA VAL A 306 7.33 7.12 -3.71
C VAL A 306 8.00 7.91 -2.60
N ARG A 307 9.21 8.40 -2.90
CA ARG A 307 9.98 9.24 -1.98
C ARG A 307 9.51 10.69 -1.96
N SER A 308 8.61 11.09 -2.85
CA SER A 308 8.29 12.49 -3.06
C SER A 308 7.67 13.11 -1.82
N ALA A 309 8.01 14.39 -1.58
CA ALA A 309 7.37 15.16 -0.52
C ALA A 309 6.10 15.85 -1.00
N LYS A 310 6.01 16.12 -2.30
CA LYS A 310 4.87 16.83 -2.87
C LYS A 310 4.61 16.30 -4.28
N LEU A 311 3.35 16.03 -4.59
CA LEU A 311 2.92 15.69 -5.95
C LEU A 311 1.56 16.34 -6.16
N ARG A 312 1.53 17.43 -6.89
CA ARG A 312 0.31 18.21 -6.97
C ARG A 312 0.15 18.67 -8.41
N MET A 313 -1.01 18.37 -9.00
CA MET A 313 -1.28 18.71 -10.39
C MET A 313 -2.19 19.91 -10.45
N VAL A 314 -1.85 20.88 -11.29
CA VAL A 314 -2.76 22.00 -11.47
C VAL A 314 -3.95 21.56 -12.32
N THR A 315 -5.15 22.01 -11.95
CA THR A 315 -6.32 21.89 -12.82
C THR A 315 -6.81 23.22 -13.32
N GLY A 316 -6.81 24.26 -12.47
CA GLY A 316 -7.21 25.59 -12.87
C GLY A 316 -6.08 26.37 -13.53
N LEU A 317 -6.15 27.70 -13.38
CA LEU A 317 -5.31 28.61 -14.13
C LEU A 317 -4.19 29.17 -13.28
N ARG A 318 -3.16 29.66 -13.95
CA ARG A 318 -2.24 30.58 -13.28
C ARG A 318 -3.07 31.68 -12.63
N ASN A 319 -2.90 31.88 -11.31
CA ASN A 319 -3.76 32.76 -10.53
C ASN A 319 -3.13 34.14 -10.42
N ILE A 320 -3.75 35.12 -11.08
CA ILE A 320 -3.22 36.49 -11.12
C ILE A 320 -4.33 37.46 -10.72
N PRO A 321 -4.69 37.51 -9.45
CA PRO A 321 -5.75 38.42 -9.02
C PRO A 321 -5.24 39.85 -8.97
N SER A 322 -6.15 40.79 -9.18
CA SER A 322 -5.84 42.24 -9.23
C SER A 322 -7.05 43.02 -9.75
N GLY B 1 3.56 33.03 -21.34
CA GLY B 1 3.14 31.67 -21.64
C GLY B 1 3.23 31.39 -23.14
N LEU B 2 3.08 30.12 -23.53
CA LEU B 2 3.33 29.78 -24.94
C LEU B 2 2.42 30.53 -25.89
N PHE B 3 1.17 30.80 -25.49
CA PHE B 3 0.24 31.41 -26.43
C PHE B 3 0.07 32.90 -26.23
N GLY B 4 0.80 33.48 -25.28
CA GLY B 4 0.95 34.92 -25.19
C GLY B 4 -0.16 35.68 -24.49
N ALA B 5 -1.25 35.01 -24.06
CA ALA B 5 -2.43 35.71 -23.53
C ALA B 5 -2.36 35.84 -22.01
N ILE B 6 -2.41 34.70 -21.32
CA ILE B 6 -2.39 34.73 -19.85
C ILE B 6 -1.04 35.22 -19.37
N ALA B 7 -1.06 36.19 -18.45
CA ALA B 7 0.16 36.86 -17.99
C ALA B 7 0.97 37.37 -19.17
N GLY B 8 0.25 37.73 -20.23
CA GLY B 8 0.83 38.20 -21.47
C GLY B 8 0.11 39.45 -21.92
N PHE B 9 -0.54 39.41 -23.08
CA PHE B 9 -1.22 40.63 -23.50
C PHE B 9 -2.50 40.87 -22.70
N ILE B 10 -3.02 39.85 -22.01
CA ILE B 10 -4.03 40.03 -20.98
C ILE B 10 -3.30 39.86 -19.66
N GLU B 11 -2.89 40.99 -19.06
CA GLU B 11 -1.85 40.97 -18.04
C GLU B 11 -2.28 40.22 -16.78
N GLY B 12 -3.56 40.31 -16.39
CA GLY B 12 -4.01 39.67 -15.17
C GLY B 12 -5.38 39.04 -15.32
N GLY B 13 -5.76 38.31 -14.25
CA GLY B 13 -7.02 37.61 -14.20
C GLY B 13 -8.09 38.46 -13.50
N TRP B 14 -9.30 37.93 -13.51
CA TRP B 14 -10.50 38.62 -13.02
C TRP B 14 -11.08 37.85 -11.83
N THR B 15 -10.88 38.37 -10.61
CA THR B 15 -11.61 37.81 -9.48
C THR B 15 -13.11 38.04 -9.62
N GLY B 16 -13.51 39.04 -10.41
CA GLY B 16 -14.93 39.27 -10.61
C GLY B 16 -15.62 38.29 -11.52
N MET B 17 -14.87 37.53 -12.33
CA MET B 17 -15.50 36.51 -13.15
C MET B 17 -15.49 35.23 -12.35
N ILE B 18 -16.59 35.01 -11.62
CA ILE B 18 -16.66 33.90 -10.69
C ILE B 18 -17.27 32.65 -11.29
N ASP B 19 -17.93 32.75 -12.44
CA ASP B 19 -18.76 31.67 -12.95
C ASP B 19 -18.13 30.92 -14.13
N GLY B 20 -16.83 31.10 -14.35
CA GLY B 20 -16.16 30.24 -15.31
C GLY B 20 -14.68 30.54 -15.36
N TRP B 21 -14.00 29.81 -16.25
CA TRP B 21 -12.55 29.93 -16.36
C TRP B 21 -12.11 30.98 -17.37
N TYR B 22 -12.86 31.15 -18.45
CA TYR B 22 -12.59 32.14 -19.49
C TYR B 22 -13.89 32.85 -19.80
N GLY B 23 -13.78 34.12 -20.23
CA GLY B 23 -15.01 34.82 -20.59
C GLY B 23 -14.79 36.29 -20.87
N TYR B 24 -15.82 37.07 -20.54
CA TYR B 24 -15.97 38.41 -21.08
C TYR B 24 -16.25 39.41 -19.99
N HIS B 25 -15.80 40.65 -20.21
CA HIS B 25 -16.29 41.79 -19.46
C HIS B 25 -16.78 42.81 -20.47
N HIS B 26 -17.94 43.40 -20.23
CA HIS B 26 -18.44 44.39 -21.18
C HIS B 26 -18.84 45.66 -20.45
N GLN B 27 -18.89 46.73 -21.23
CA GLN B 27 -19.43 48.02 -20.78
C GLN B 27 -20.20 48.66 -21.93
N ASN B 28 -21.45 49.03 -21.68
CA ASN B 28 -22.25 49.79 -22.63
C ASN B 28 -23.17 50.72 -21.84
N GLU B 29 -24.07 51.41 -22.54
CA GLU B 29 -24.93 52.37 -21.85
C GLU B 29 -25.80 51.69 -20.79
N GLN B 30 -26.17 50.43 -21.02
CA GLN B 30 -27.00 49.67 -20.09
C GLN B 30 -26.22 49.15 -18.90
N GLY B 31 -24.89 49.21 -18.89
CA GLY B 31 -24.15 48.82 -17.72
C GLY B 31 -22.96 47.95 -18.08
N SER B 32 -22.44 47.27 -17.07
CA SER B 32 -21.20 46.53 -17.25
C SER B 32 -21.31 45.20 -16.52
N GLY B 33 -20.36 44.32 -16.80
CA GLY B 33 -20.29 43.11 -16.00
C GLY B 33 -19.49 42.02 -16.67
N TYR B 34 -19.23 40.98 -15.89
CA TYR B 34 -18.48 39.79 -16.28
C TYR B 34 -19.45 38.66 -16.63
N ALA B 35 -19.06 37.85 -17.62
CA ALA B 35 -19.82 36.65 -17.98
C ALA B 35 -18.85 35.59 -18.45
N ALA B 36 -18.89 34.41 -17.86
CA ALA B 36 -18.06 33.34 -18.37
C ALA B 36 -18.51 32.90 -19.75
N ASP B 37 -17.55 32.46 -20.57
CA ASP B 37 -17.88 31.70 -21.76
C ASP B 37 -18.10 30.26 -21.34
N GLN B 38 -19.36 29.83 -21.34
CA GLN B 38 -19.66 28.54 -20.72
C GLN B 38 -19.19 27.39 -21.60
N LYS B 39 -19.24 27.54 -22.93
CA LYS B 39 -18.85 26.45 -23.83
C LYS B 39 -17.36 26.13 -23.69
N SER B 40 -16.50 27.16 -23.73
N SER B 40 -16.51 27.16 -23.75
CA SER B 40 -15.07 26.93 -23.61
CA SER B 40 -15.08 26.94 -23.61
C SER B 40 -14.70 26.46 -22.21
C SER B 40 -14.72 26.44 -22.22
N THR B 41 -15.37 26.98 -21.18
CA THR B 41 -15.11 26.51 -19.83
C THR B 41 -15.48 25.04 -19.69
N GLN B 42 -16.67 24.67 -20.17
CA GLN B 42 -17.07 23.26 -20.04
C GLN B 42 -16.13 22.34 -20.82
N ASN B 43 -15.75 22.74 -22.03
CA ASN B 43 -14.82 21.92 -22.82
CA ASN B 43 -14.82 21.92 -22.82
C ASN B 43 -13.49 21.74 -22.10
N ALA B 44 -12.97 22.82 -21.51
CA ALA B 44 -11.73 22.72 -20.75
C ALA B 44 -11.90 21.84 -19.52
N ILE B 45 -13.03 21.95 -18.81
CA ILE B 45 -13.26 21.06 -17.66
C ILE B 45 -13.24 19.61 -18.12
N ASN B 46 -13.87 19.33 -19.27
CA ASN B 46 -13.88 17.95 -19.79
C ASN B 46 -12.47 17.45 -20.04
N GLY B 47 -11.64 18.27 -20.68
CA GLY B 47 -10.28 17.84 -20.99
C GLY B 47 -9.43 17.65 -19.74
N ILE B 48 -9.50 18.61 -18.81
CA ILE B 48 -8.72 18.48 -17.58
C ILE B 48 -9.20 17.29 -16.76
N THR B 49 -10.51 17.02 -16.77
CA THR B 49 -11.02 15.83 -16.08
C THR B 49 -10.44 14.57 -16.68
N ASN B 50 -10.42 14.48 -18.01
CA ASN B 50 -9.80 13.30 -18.62
CA ASN B 50 -9.79 13.31 -18.65
C ASN B 50 -8.33 13.18 -18.24
N LYS B 51 -7.62 14.31 -18.18
CA LYS B 51 -6.20 14.28 -17.82
C LYS B 51 -6.01 13.76 -16.39
N VAL B 52 -6.77 14.30 -15.44
CA VAL B 52 -6.67 13.85 -14.05
C VAL B 52 -7.00 12.37 -13.95
N ASN B 53 -8.07 11.94 -14.61
CA ASN B 53 -8.44 10.52 -14.55
C ASN B 53 -7.32 9.65 -15.15
N THR B 54 -6.65 10.15 -16.20
CA THR B 54 -5.56 9.40 -16.81
C THR B 54 -4.42 9.21 -15.82
N VAL B 55 -4.11 10.26 -15.07
CA VAL B 55 -3.03 10.19 -14.09
C VAL B 55 -3.42 9.30 -12.91
N ILE B 56 -4.67 9.36 -12.46
CA ILE B 56 -5.16 8.57 -11.33
C ILE B 56 -5.77 7.28 -11.89
N GLU B 57 -5.25 6.84 -13.04
CA GLU B 57 -5.53 5.51 -13.59
CA GLU B 57 -5.53 5.52 -13.61
C GLU B 57 -6.93 5.45 -14.20
N GLU B 69 12.47 -12.56 4.75
CA GLU B 69 13.66 -12.37 5.54
C GLU B 69 14.79 -13.26 5.01
N PHE B 70 16.01 -12.95 5.41
CA PHE B 70 17.20 -13.65 4.96
C PHE B 70 18.09 -13.94 6.16
N ASN B 71 18.74 -15.09 6.16
CA ASN B 71 19.57 -15.40 7.30
C ASN B 71 20.97 -14.81 7.07
N LYS B 72 21.86 -15.02 8.04
CA LYS B 72 23.17 -14.36 8.02
C LYS B 72 24.08 -14.86 6.91
N LEU B 73 23.74 -15.97 6.27
CA LEU B 73 24.52 -16.52 5.15
C LEU B 73 23.79 -16.33 3.84
N GLU B 74 22.86 -15.37 3.79
CA GLU B 74 22.12 -15.03 2.58
C GLU B 74 22.23 -13.54 2.34
N LYS B 75 23.41 -12.96 2.59
CA LYS B 75 23.60 -11.52 2.40
CA LYS B 75 23.57 -11.52 2.40
C LYS B 75 23.48 -11.14 0.94
N ARG B 76 23.98 -11.98 0.03
CA ARG B 76 23.87 -11.64 -1.40
C ARG B 76 22.41 -11.57 -1.83
N MET B 77 21.60 -12.54 -1.40
CA MET B 77 20.17 -12.53 -1.74
C MET B 77 19.46 -11.35 -1.08
N GLU B 78 19.82 -11.04 0.17
CA GLU B 78 19.26 -9.85 0.84
C GLU B 78 19.58 -8.58 0.06
N ASN B 79 20.81 -8.45 -0.40
CA ASN B 79 21.23 -7.25 -1.13
C ASN B 79 20.61 -7.19 -2.53
N LEU B 80 20.41 -8.33 -3.18
CA LEU B 80 19.70 -8.36 -4.45
C LEU B 80 18.25 -7.92 -4.27
N ASN B 81 17.59 -8.42 -3.22
CA ASN B 81 16.24 -7.98 -2.91
C ASN B 81 16.19 -6.47 -2.69
N LYS B 82 17.18 -5.95 -1.94
CA LYS B 82 17.21 -4.50 -1.69
C LYS B 82 17.48 -3.73 -2.97
N LYS B 83 18.33 -4.25 -3.84
CA LYS B 83 18.59 -3.58 -5.12
C LYS B 83 17.33 -3.48 -5.94
N VAL B 84 16.55 -4.56 -5.97
CA VAL B 84 15.29 -4.58 -6.71
C VAL B 84 14.33 -3.54 -6.13
N ASP B 85 14.15 -3.57 -4.81
CA ASP B 85 13.20 -2.64 -4.18
C ASP B 85 13.63 -1.20 -4.40
N ASP B 86 14.91 -0.91 -4.18
CA ASP B 86 15.42 0.45 -4.32
C ASP B 86 15.33 0.91 -5.77
N GLY B 87 15.62 0.03 -6.72
CA GLY B 87 15.59 0.43 -8.11
C GLY B 87 14.18 0.73 -8.59
N PHE B 88 13.21 -0.11 -8.19
CA PHE B 88 11.83 0.18 -8.56
C PHE B 88 11.36 1.47 -7.92
N LEU B 89 11.75 1.71 -6.66
CA LEU B 89 11.34 2.95 -6.00
C LEU B 89 11.91 4.17 -6.70
N ASP B 90 13.20 4.10 -7.10
CA ASP B 90 13.82 5.19 -7.85
C ASP B 90 13.05 5.46 -9.12
N ILE B 91 12.70 4.39 -9.86
CA ILE B 91 12.01 4.56 -11.13
C ILE B 91 10.62 5.16 -10.92
N TRP B 92 9.87 4.69 -9.93
CA TRP B 92 8.51 5.20 -9.80
C TRP B 92 8.49 6.61 -9.21
N THR B 93 9.43 6.94 -8.34
CA THR B 93 9.53 8.33 -7.88
C THR B 93 9.81 9.26 -9.05
N TYR B 94 10.77 8.86 -9.91
CA TYR B 94 11.09 9.64 -11.09
C TYR B 94 9.87 9.78 -11.99
N ASN B 95 9.20 8.67 -12.31
CA ASN B 95 8.05 8.70 -13.21
C ASN B 95 6.95 9.62 -12.68
N ALA B 96 6.63 9.49 -11.39
CA ALA B 96 5.56 10.29 -10.81
C ALA B 96 5.89 11.77 -10.88
N GLU B 97 7.10 12.14 -10.42
CA GLU B 97 7.45 13.56 -10.39
C GLU B 97 7.52 14.15 -11.79
N LEU B 98 8.14 13.42 -12.73
CA LEU B 98 8.28 13.94 -14.09
C LEU B 98 6.92 14.08 -14.79
N LEU B 99 6.05 13.07 -14.68
CA LEU B 99 4.73 13.21 -15.31
C LEU B 99 3.99 14.42 -14.77
N VAL B 100 4.08 14.68 -13.46
CA VAL B 100 3.33 15.81 -12.93
C VAL B 100 3.92 17.13 -13.41
N LEU B 101 5.26 17.25 -13.46
CA LEU B 101 5.85 18.48 -13.99
C LEU B 101 5.44 18.74 -15.44
N LEU B 102 5.53 17.69 -16.27
CA LEU B 102 5.22 17.82 -17.70
C LEU B 102 3.75 18.17 -17.89
N GLU B 103 2.88 17.47 -17.15
CA GLU B 103 1.47 17.73 -17.35
C GLU B 103 1.06 19.08 -16.79
N ASN B 104 1.71 19.55 -15.71
CA ASN B 104 1.42 20.90 -15.22
C ASN B 104 1.79 21.95 -16.26
N GLU B 105 2.96 21.80 -16.90
CA GLU B 105 3.33 22.73 -17.97
C GLU B 105 2.26 22.74 -19.07
N ARG B 106 1.84 21.53 -19.48
CA ARG B 106 0.84 21.43 -20.55
C ARG B 106 -0.52 21.99 -20.13
N THR B 107 -0.91 21.82 -18.87
CA THR B 107 -2.20 22.37 -18.43
C THR B 107 -2.21 23.89 -18.50
N LEU B 108 -1.14 24.52 -18.00
CA LEU B 108 -1.11 25.98 -18.06
C LEU B 108 -1.11 26.47 -19.50
N ASP B 109 -0.39 25.76 -20.38
CA ASP B 109 -0.39 26.17 -21.78
C ASP B 109 -1.73 25.95 -22.45
N PHE B 110 -2.46 24.91 -22.04
CA PHE B 110 -3.82 24.66 -22.52
C PHE B 110 -4.74 25.82 -22.17
N HIS B 111 -4.70 26.27 -20.91
CA HIS B 111 -5.53 27.41 -20.53
C HIS B 111 -5.17 28.64 -21.35
N ASP B 112 -3.86 28.88 -21.53
CA ASP B 112 -3.40 30.02 -22.31
C ASP B 112 -3.97 29.96 -23.73
N SER B 113 -3.86 28.79 -24.36
CA SER B 113 -4.42 28.57 -25.68
C SER B 113 -5.92 28.86 -25.71
N ASN B 114 -6.65 28.39 -24.69
CA ASN B 114 -8.10 28.58 -24.69
C ASN B 114 -8.45 30.06 -24.65
N VAL B 115 -7.73 30.83 -23.84
CA VAL B 115 -7.95 32.29 -23.79
C VAL B 115 -7.60 32.92 -25.14
N LYS B 116 -6.44 32.54 -25.69
CA LYS B 116 -6.03 33.10 -26.98
C LYS B 116 -7.06 32.81 -28.06
N ASN B 117 -7.57 31.58 -28.10
CA ASN B 117 -8.53 31.21 -29.14
C ASN B 117 -9.84 31.98 -28.98
N LEU B 118 -10.29 32.18 -27.73
CA LEU B 118 -11.50 32.96 -27.52
C LEU B 118 -11.32 34.41 -27.96
N TYR B 119 -10.16 34.98 -27.63
CA TYR B 119 -9.85 36.34 -28.06
C TYR B 119 -9.87 36.45 -29.59
N GLU B 120 -9.24 35.48 -30.28
CA GLU B 120 -9.20 35.56 -31.73
C GLU B 120 -10.58 35.37 -32.35
N LYS B 121 -11.44 34.56 -31.70
CA LYS B 121 -12.81 34.38 -32.21
C LYS B 121 -13.59 35.69 -32.15
N VAL B 122 -13.43 36.44 -31.05
CA VAL B 122 -14.09 37.75 -30.98
C VAL B 122 -13.49 38.69 -32.03
N LYS B 123 -12.16 38.75 -32.11
CA LYS B 123 -11.51 39.63 -33.08
C LYS B 123 -12.02 39.37 -34.49
N SER B 124 -12.19 38.08 -34.82
CA SER B 124 -12.61 37.67 -36.15
C SER B 124 -14.06 38.01 -36.43
N GLN B 125 -14.90 37.99 -35.39
CA GLN B 125 -16.28 38.47 -35.57
C GLN B 125 -16.32 39.97 -35.80
N LEU B 126 -15.54 40.74 -35.03
CA LEU B 126 -15.73 42.20 -35.02
C LEU B 126 -15.08 42.88 -36.21
N LYS B 127 -13.93 42.38 -36.69
CA LYS B 127 -13.22 42.96 -37.83
C LYS B 127 -12.99 44.45 -37.54
N ASN B 128 -13.23 45.36 -38.49
CA ASN B 128 -12.95 46.77 -38.26
C ASN B 128 -14.15 47.54 -37.72
N ASN B 129 -15.17 46.84 -37.21
CA ASN B 129 -16.24 47.47 -36.44
C ASN B 129 -15.82 47.76 -35.00
N ALA B 130 -14.62 47.36 -34.59
CA ALA B 130 -14.06 47.74 -33.30
C ALA B 130 -12.56 47.97 -33.44
N LYS B 131 -12.04 48.74 -32.50
CA LYS B 131 -10.62 49.00 -32.37
C LYS B 131 -10.03 48.04 -31.33
N GLU B 132 -8.92 47.40 -31.70
CA GLU B 132 -8.25 46.42 -30.85
C GLU B 132 -7.20 47.13 -30.01
N ILE B 133 -7.43 47.23 -28.70
CA ILE B 133 -6.57 47.98 -27.79
CA ILE B 133 -6.51 48.04 -27.93
C ILE B 133 -5.23 47.28 -27.56
N GLY B 134 -5.26 45.94 -27.49
CA GLY B 134 -4.05 45.16 -27.27
C GLY B 134 -3.91 44.56 -25.87
N ASN B 135 -4.88 44.79 -24.99
CA ASN B 135 -4.89 44.26 -23.63
C ASN B 135 -6.02 43.26 -23.44
N GLY B 136 -6.56 42.73 -24.52
CA GLY B 136 -7.70 41.86 -24.47
C GLY B 136 -9.01 42.54 -24.76
N CYS B 137 -9.00 43.88 -24.92
CA CYS B 137 -10.23 44.63 -25.06
C CYS B 137 -10.43 45.15 -26.48
N PHE B 138 -11.71 45.31 -26.83
CA PHE B 138 -12.14 45.91 -28.09
C PHE B 138 -13.07 47.08 -27.78
N GLU B 139 -12.86 48.20 -28.46
CA GLU B 139 -13.72 49.36 -28.32
C GLU B 139 -14.54 49.49 -29.60
N PHE B 140 -15.85 49.33 -29.49
CA PHE B 140 -16.70 49.33 -30.67
C PHE B 140 -16.74 50.70 -31.33
N TYR B 141 -16.83 50.69 -32.67
CA TYR B 141 -17.11 51.90 -33.44
C TYR B 141 -18.60 52.15 -33.63
N HIS B 142 -19.45 51.39 -32.92
CA HIS B 142 -20.89 51.51 -32.97
C HIS B 142 -21.44 51.25 -31.58
N LYS B 143 -22.65 51.74 -31.30
CA LYS B 143 -23.28 51.39 -30.03
C LYS B 143 -23.61 49.91 -30.03
N CYS B 144 -23.24 49.21 -28.96
CA CYS B 144 -23.44 47.77 -28.86
C CYS B 144 -24.21 47.50 -27.56
N ASP B 145 -25.53 47.35 -27.68
CA ASP B 145 -26.40 47.18 -26.53
C ASP B 145 -26.31 45.74 -26.03
N ASN B 146 -27.21 45.34 -25.12
CA ASN B 146 -27.04 44.04 -24.49
C ASN B 146 -27.25 42.91 -25.48
N GLU B 147 -28.23 43.03 -26.39
CA GLU B 147 -28.41 42.01 -27.41
C GLU B 147 -27.18 41.91 -28.32
N CYS B 148 -26.58 43.06 -28.66
CA CYS B 148 -25.36 43.06 -29.46
C CYS B 148 -24.23 42.35 -28.72
N MET B 149 -24.05 42.67 -27.44
CA MET B 149 -23.00 42.04 -26.63
C MET B 149 -23.21 40.53 -26.56
N GLU B 150 -24.45 40.11 -26.33
CA GLU B 150 -24.75 38.68 -26.27
C GLU B 150 -24.44 38.01 -27.60
N SER B 151 -24.69 38.71 -28.72
CA SER B 151 -24.37 38.11 -30.03
C SER B 151 -22.86 37.91 -30.17
N VAL B 152 -22.08 38.85 -29.64
CA VAL B 152 -20.62 38.66 -29.65
C VAL B 152 -20.24 37.46 -28.79
N ARG B 153 -20.81 37.38 -27.60
CA ARG B 153 -20.45 36.28 -26.68
C ARG B 153 -20.88 34.92 -27.23
N ASN B 154 -21.95 34.90 -28.03
CA ASN B 154 -22.51 33.66 -28.55
C ASN B 154 -22.07 33.36 -29.97
N GLY B 155 -21.23 34.20 -30.57
CA GLY B 155 -20.68 33.87 -31.86
C GLY B 155 -21.59 34.18 -33.02
N THR B 156 -22.60 35.00 -32.79
CA THR B 156 -23.58 35.35 -33.82
C THR B 156 -23.60 36.84 -34.10
N TYR B 157 -22.47 37.52 -33.86
CA TYR B 157 -22.40 38.95 -34.14
C TYR B 157 -22.58 39.22 -35.62
N ASP B 158 -23.32 40.29 -35.94
CA ASP B 158 -23.78 40.63 -37.28
C ASP B 158 -22.99 41.84 -37.77
N TYR B 159 -21.84 41.60 -38.40
CA TYR B 159 -20.99 42.69 -38.84
C TYR B 159 -21.67 43.61 -39.86
N PRO B 160 -22.35 43.10 -40.90
CA PRO B 160 -22.99 44.02 -41.85
C PRO B 160 -24.01 44.96 -41.21
N LYS B 161 -24.69 44.50 -40.14
CA LYS B 161 -25.69 45.33 -39.47
C LYS B 161 -25.09 46.64 -38.95
N TYR B 162 -23.84 46.61 -38.50
CA TYR B 162 -23.19 47.74 -37.86
C TYR B 162 -22.08 48.34 -38.70
N SER B 163 -21.81 47.79 -39.89
CA SER B 163 -20.63 48.22 -40.65
C SER B 163 -20.71 49.69 -41.05
N GLU B 164 -21.90 50.20 -41.39
CA GLU B 164 -22.00 51.58 -41.86
C GLU B 164 -21.78 52.59 -40.74
N GLU B 165 -22.50 52.43 -39.63
CA GLU B 165 -22.25 53.23 -38.44
C GLU B 165 -20.79 53.18 -38.04
N SER B 166 -20.19 51.98 -38.06
CA SER B 166 -18.80 51.87 -37.65
C SER B 166 -17.86 52.58 -38.61
N LYS B 167 -18.10 52.45 -39.92
CA LYS B 167 -17.24 53.12 -40.89
C LYS B 167 -17.32 54.63 -40.73
N LEU B 168 -18.52 55.15 -40.51
CA LEU B 168 -18.65 56.58 -40.24
C LEU B 168 -17.82 57.00 -39.02
N ASN B 169 -17.86 56.21 -37.95
CA ASN B 169 -17.14 56.62 -36.75
C ASN B 169 -15.63 56.41 -36.89
N ARG B 170 -15.22 55.30 -37.50
CA ARG B 170 -13.82 55.03 -37.76
C ARG B 170 -13.23 56.12 -38.67
N GLU B 171 -14.05 56.65 -39.57
CA GLU B 171 -13.74 57.74 -40.50
C GLU B 171 -12.33 57.65 -41.10
N LEU C 2 -23.49 25.50 -13.13
CA LEU C 2 -23.34 25.74 -14.56
C LEU C 2 -22.73 24.58 -15.32
N TYR C 3 -21.83 23.82 -14.71
CA TYR C 3 -21.02 22.85 -15.44
C TYR C 3 -21.17 21.45 -14.88
N ARG C 4 -20.95 20.48 -15.76
CA ARG C 4 -20.77 19.08 -15.36
CA ARG C 4 -20.78 19.09 -15.34
C ARG C 4 -19.30 18.90 -14.98
N ASP C 5 -19.03 18.82 -13.68
CA ASP C 5 -17.67 18.72 -13.14
C ASP C 5 -17.66 17.62 -12.09
N PRO C 6 -17.81 16.35 -12.52
CA PRO C 6 -17.97 15.26 -11.55
C PRO C 6 -16.74 15.01 -10.70
N LEU C 7 -15.55 15.34 -11.19
CA LEU C 7 -14.33 15.22 -10.41
C LEU C 7 -14.05 16.44 -9.56
N GLY C 8 -14.74 17.55 -9.79
CA GLY C 8 -14.48 18.78 -9.08
C GLY C 8 -13.11 19.35 -9.40
N VAL C 9 -12.73 19.38 -10.68
CA VAL C 9 -11.48 20.02 -11.07
C VAL C 9 -11.59 21.53 -11.11
N ALA C 10 -12.81 22.07 -11.07
CA ALA C 10 -13.06 23.49 -10.97
C ALA C 10 -13.76 23.76 -9.65
N GLY C 11 -13.87 25.03 -9.28
CA GLY C 11 -14.50 25.38 -8.02
C GLY C 11 -16.02 25.43 -8.12
N GLY C 12 -16.62 26.08 -7.13
CA GLY C 12 -18.07 26.16 -7.07
C GLY C 12 -18.71 27.17 -8.02
N MET C 13 -17.91 27.98 -8.69
CA MET C 13 -18.39 28.95 -9.68
C MET C 13 -19.35 29.96 -9.10
N GLY C 14 -19.29 30.21 -7.81
CA GLY C 14 -20.19 31.16 -7.18
C GLY C 14 -21.58 30.64 -6.87
N CYS C 15 -21.82 29.34 -7.05
N CYS C 15 -21.84 29.34 -7.07
CA CYS C 15 -23.14 28.75 -6.87
CA CYS C 15 -23.15 28.76 -6.78
C CYS C 15 -23.07 27.25 -6.63
C CYS C 15 -23.05 27.27 -6.54
#